data_4CN5
#
_entry.id   4CN5
#
_cell.length_a   103.286
_cell.length_b   44.327
_cell.length_c   63.915
_cell.angle_alpha   90.00
_cell.angle_beta   98.95
_cell.angle_gamma   90.00
#
_symmetry.space_group_name_H-M   'C 1 2 1'
#
loop_
_entity.id
_entity.type
_entity.pdbx_description
1 polymer 'RETINOIC ACID RECEPTOR RXR-ALPHA'
2 polymer "5'-D(*TP*GP*GP*GP*GP*TP*CP*AP*GP*AP*GP*TP*TP*CP *AP*AP*TP)-3'"
3 polymer "5'-D(*AP*TP*TP*GP*AP*AP*CP*TP*CP*TP*GP*AP*CP*CP *CP*CP*AP)-3'"
4 non-polymer 'ZINC ION'
5 non-polymer 'CHLORIDE ION'
6 non-polymer 'POTASSIUM ION'
7 non-polymer 'NITRATE ION'
8 water water
#
loop_
_entity_poly.entity_id
_entity_poly.type
_entity_poly.pdbx_seq_one_letter_code
_entity_poly.pdbx_strand_id
1 'polypeptide(L)'
;GSHMFTKHICAICGDRSSGKHYGVYSCEGCKGFFKRTVRKDLTYTCRDNKDCLIDKRQRNRCQYCRYQKCLAMGMKREAV
QEERQRG
;
A,B
2 'polydeoxyribonucleotide' (DT)(DG)(DG)(DG)(DG)(DT)(DC)(DA)(DG)(DA)(DG)(DT)(DT)(DC)(DA)(DA)(DT) C
3 'polydeoxyribonucleotide' (DA)(DT)(DT)(DG)(DA)(DA)(DC)(DT)(DC)(DT)(DG)(DA)(DC)(DC)(DC)(DC)(DA) D
#
# COMPACT_ATOMS: atom_id res chain seq x y z
N MET A 4 -11.83 5.16 21.39
CA MET A 4 -11.03 4.00 21.79
C MET A 4 -11.27 2.81 20.84
N PHE A 5 -10.28 1.93 20.77
CA PHE A 5 -10.33 0.79 19.84
C PHE A 5 -10.40 -0.56 20.55
N THR A 6 -10.50 -0.53 21.88
CA THR A 6 -10.38 -1.75 22.69
C THR A 6 -11.53 -2.73 22.48
N LYS A 7 -12.69 -2.21 22.11
CA LYS A 7 -13.90 -3.00 22.10
C LYS A 7 -14.10 -3.87 20.85
N HIS A 8 -13.64 -3.41 19.70
CA HIS A 8 -14.09 -4.04 18.45
C HIS A 8 -13.06 -4.32 17.37
N ILE A 9 -13.43 -5.21 16.44
CA ILE A 9 -12.66 -5.41 15.24
C ILE A 9 -13.54 -5.25 13.99
N CYS A 10 -12.89 -4.95 12.88
CA CYS A 10 -13.58 -4.76 11.62
C CYS A 10 -14.19 -6.07 11.17
N ALA A 11 -15.49 -6.07 10.88
CA ALA A 11 -16.19 -7.29 10.50
C ALA A 11 -15.73 -7.75 9.13
N ILE A 12 -15.11 -6.84 8.38
CA ILE A 12 -14.75 -7.07 7.00
C ILE A 12 -13.34 -7.64 6.86
N CYS A 13 -12.35 -7.02 7.52
CA CYS A 13 -10.97 -7.47 7.34
C CYS A 13 -10.28 -7.86 8.64
N GLY A 14 -10.93 -7.65 9.78
CA GLY A 14 -10.35 -8.06 11.06
C GLY A 14 -9.36 -7.07 11.67
N ASP A 15 -9.08 -5.98 10.96
CA ASP A 15 -8.28 -4.88 11.51
C ASP A 15 -9.03 -4.24 12.69
N ARG A 16 -8.35 -3.38 13.45
CA ARG A 16 -8.97 -2.72 14.59
C ARG A 16 -10.07 -1.73 14.15
N SER A 17 -11.06 -1.52 15.02
CA SER A 17 -12.17 -0.64 14.70
C SER A 17 -12.46 0.24 15.91
N SER A 18 -12.82 1.51 15.70
CA SER A 18 -13.27 2.36 16.81
C SER A 18 -14.80 2.42 16.93
N GLY A 19 -15.48 1.69 16.05
CA GLY A 19 -16.93 1.64 16.11
C GLY A 19 -17.53 1.35 14.76
N LYS A 20 -18.82 1.63 14.63
CA LYS A 20 -19.56 1.35 13.41
C LYS A 20 -19.35 2.40 12.33
N HIS A 21 -19.36 1.94 11.08
CA HIS A 21 -19.42 2.85 9.95
C HIS A 21 -20.38 2.28 8.92
N TYR A 22 -21.31 3.11 8.47
CA TYR A 22 -22.32 2.68 7.51
C TYR A 22 -23.10 1.43 7.97
N GLY A 23 -23.24 1.27 9.28
CA GLY A 23 -24.01 0.19 9.88
C GLY A 23 -23.22 -0.99 10.43
N VAL A 24 -21.89 -0.94 10.34
CA VAL A 24 -21.04 -2.11 10.61
C VAL A 24 -19.75 -1.75 11.33
N TYR A 25 -19.38 -2.50 12.38
CA TYR A 25 -18.05 -2.38 12.98
C TYR A 25 -16.98 -2.58 11.91
N SER A 26 -16.26 -1.51 11.59
CA SER A 26 -15.24 -1.53 10.54
C SER A 26 -14.04 -0.68 10.88
N CYS A 27 -12.93 -0.92 10.19
CA CYS A 27 -11.73 -0.14 10.37
C CYS A 27 -11.80 1.12 9.54
N GLU A 28 -10.87 2.04 9.76
CA GLU A 28 -10.78 3.26 8.96
C GLU A 28 -10.58 3.00 7.46
N GLY A 29 -9.87 1.92 7.13
CA GLY A 29 -9.66 1.57 5.73
C GLY A 29 -10.94 1.12 5.02
N CYS A 30 -11.66 0.19 5.64
CA CYS A 30 -12.88 -0.32 5.00
C CYS A 30 -13.95 0.75 4.97
N LYS A 31 -13.95 1.61 5.98
CA LYS A 31 -14.80 2.79 5.99
C LYS A 31 -14.51 3.72 4.80
N GLY A 32 -13.25 4.09 4.62
CA GLY A 32 -12.86 4.95 3.52
C GLY A 32 -13.11 4.30 2.17
N PHE A 33 -12.83 3.01 2.10
CA PHE A 33 -12.99 2.24 0.87
C PHE A 33 -14.46 2.18 0.45
N PHE A 34 -15.34 1.92 1.40
CA PHE A 34 -16.76 1.80 1.10
C PHE A 34 -17.31 3.15 0.67
N LYS A 35 -16.88 4.21 1.36
CA LYS A 35 -17.35 5.55 1.03
C LYS A 35 -16.97 5.93 -0.40
N ARG A 36 -15.70 5.73 -0.74
CA ARG A 36 -15.21 6.07 -2.07
C ARG A 36 -15.93 5.28 -3.16
N THR A 37 -16.07 3.98 -2.96
CA THR A 37 -16.79 3.13 -3.92
C THR A 37 -18.21 3.63 -4.22
N VAL A 38 -18.95 3.99 -3.19
CA VAL A 38 -20.32 4.46 -3.35
C VAL A 38 -20.42 5.87 -3.93
N ARG A 39 -19.61 6.80 -3.40
CA ARG A 39 -19.57 8.19 -3.88
C ARG A 39 -19.39 8.31 -5.40
N LYS A 40 -18.50 7.51 -5.97
CA LYS A 40 -18.23 7.60 -7.40
C LYS A 40 -18.94 6.49 -8.18
N ASP A 41 -19.80 5.75 -7.48
CA ASP A 41 -20.44 4.56 -8.03
C ASP A 41 -19.45 3.73 -8.82
N LEU A 42 -18.43 3.22 -8.13
CA LEU A 42 -17.40 2.44 -8.79
C LEU A 42 -17.83 0.99 -8.92
N THR A 43 -17.55 0.40 -10.07
CA THR A 43 -17.78 -1.03 -10.28
C THR A 43 -16.43 -1.71 -10.39
N TYR A 44 -16.24 -2.82 -9.68
CA TYR A 44 -14.97 -3.55 -9.73
C TYR A 44 -15.14 -4.93 -10.36
N THR A 45 -14.03 -5.59 -10.63
CA THR A 45 -14.03 -6.94 -11.20
C THR A 45 -13.01 -7.82 -10.46
N CYS A 46 -13.38 -9.07 -10.16
CA CYS A 46 -12.43 -10.02 -9.57
C CYS A 46 -11.75 -10.88 -10.64
N ARG A 47 -10.42 -10.96 -10.58
CA ARG A 47 -9.65 -11.76 -11.54
C ARG A 47 -9.72 -13.25 -11.26
N ASP A 48 -10.19 -13.62 -10.07
CA ASP A 48 -10.12 -15.00 -9.62
C ASP A 48 -11.49 -15.64 -9.43
N ASN A 49 -11.72 -16.24 -8.26
CA ASN A 49 -12.93 -17.03 -8.06
C ASN A 49 -13.98 -16.40 -7.15
N LYS A 50 -13.87 -15.08 -6.97
CA LYS A 50 -14.82 -14.30 -6.18
C LYS A 50 -14.87 -14.74 -4.73
N ASP A 51 -13.78 -15.32 -4.26
CA ASP A 51 -13.64 -15.69 -2.86
C ASP A 51 -12.23 -15.39 -2.39
N CYS A 52 -11.71 -14.23 -2.79
CA CYS A 52 -10.39 -13.78 -2.36
C CYS A 52 -10.38 -13.50 -0.88
N LEU A 53 -9.35 -13.96 -0.19
CA LEU A 53 -9.27 -13.76 1.26
C LEU A 53 -9.16 -12.27 1.58
N ILE A 54 -10.04 -11.78 2.44
CA ILE A 54 -9.98 -10.39 2.87
C ILE A 54 -9.55 -10.29 4.35
N ASP A 55 -8.26 -10.03 4.56
CA ASP A 55 -7.76 -9.72 5.90
C ASP A 55 -6.96 -8.43 5.85
N LYS A 56 -6.27 -8.08 6.93
CA LYS A 56 -5.54 -6.81 6.94
C LYS A 56 -4.47 -6.76 5.83
N ARG A 57 -3.66 -7.82 5.74
CA ARG A 57 -2.60 -7.84 4.74
C ARG A 57 -3.09 -7.85 3.28
N GLN A 58 -4.11 -8.65 3.00
CA GLN A 58 -4.58 -8.88 1.62
C GLN A 58 -5.76 -8.03 1.16
N ARG A 59 -6.31 -7.19 2.05
CA ARG A 59 -7.59 -6.51 1.74
C ARG A 59 -7.60 -5.65 0.47
N ASN A 60 -6.45 -5.08 0.10
CA ASN A 60 -6.38 -4.24 -1.09
C ASN A 60 -6.14 -5.00 -2.39
N ARG A 61 -5.96 -6.31 -2.29
CA ARG A 61 -5.58 -7.07 -3.47
C ARG A 61 -6.74 -7.39 -4.42
N CYS A 62 -7.98 -7.28 -3.93
CA CYS A 62 -9.13 -7.43 -4.82
C CYS A 62 -10.25 -6.53 -4.36
N GLN A 63 -10.46 -5.43 -5.06
CA GLN A 63 -11.48 -4.48 -4.63
C GLN A 63 -12.89 -5.06 -4.76
N TYR A 64 -13.09 -5.90 -5.76
CA TYR A 64 -14.39 -6.55 -5.92
C TYR A 64 -14.76 -7.36 -4.68
N CYS A 65 -13.84 -8.20 -4.23
CA CYS A 65 -14.13 -9.05 -3.10
C CYS A 65 -14.25 -8.23 -1.82
N ARG A 66 -13.45 -7.18 -1.73
CA ARG A 66 -13.51 -6.33 -0.55
C ARG A 66 -14.88 -5.66 -0.46
N TYR A 67 -15.39 -5.25 -1.60
CA TYR A 67 -16.68 -4.58 -1.67
C TYR A 67 -17.87 -5.52 -1.39
N GLN A 68 -17.84 -6.74 -1.93
CA GLN A 68 -18.92 -7.69 -1.66
C GLN A 68 -18.98 -8.05 -0.18
N LYS A 69 -17.83 -8.08 0.46
CA LYS A 69 -17.77 -8.41 1.88
C LYS A 69 -18.28 -7.27 2.74
N CYS A 70 -18.01 -6.03 2.32
CA CYS A 70 -18.61 -4.86 2.95
C CYS A 70 -20.13 -4.99 2.99
N LEU A 71 -20.73 -5.35 1.85
CA LEU A 71 -22.19 -5.57 1.77
C LEU A 71 -22.64 -6.79 2.56
N ALA A 72 -21.90 -7.88 2.44
CA ALA A 72 -22.24 -9.13 3.12
C ALA A 72 -22.26 -8.96 4.63
N MET A 73 -21.42 -8.06 5.13
CA MET A 73 -21.32 -7.83 6.57
C MET A 73 -22.32 -6.78 7.06
N GLY A 74 -22.97 -6.09 6.14
CA GLY A 74 -24.05 -5.19 6.51
C GLY A 74 -23.89 -3.72 6.17
N MET A 75 -22.83 -3.36 5.47
CA MET A 75 -22.66 -1.95 5.15
C MET A 75 -23.75 -1.46 4.21
N LYS A 76 -24.30 -0.29 4.51
CA LYS A 76 -25.44 0.24 3.78
C LYS A 76 -25.05 1.40 2.89
N ARG A 77 -25.17 1.22 1.57
CA ARG A 77 -24.88 2.28 0.60
C ARG A 77 -25.60 3.59 0.92
N GLU A 78 -26.82 3.48 1.43
CA GLU A 78 -27.64 4.66 1.71
C GLU A 78 -27.13 5.48 2.89
N ALA A 79 -26.23 4.90 3.68
CA ALA A 79 -25.63 5.60 4.81
C ALA A 79 -24.50 6.55 4.39
N VAL A 80 -23.98 6.37 3.18
CA VAL A 80 -22.98 7.27 2.63
C VAL A 80 -23.66 8.54 2.15
N GLN A 81 -23.28 9.68 2.72
CA GLN A 81 -23.92 10.94 2.36
C GLN A 81 -23.31 11.54 1.10
N GLU A 82 -23.92 12.62 0.62
CA GLU A 82 -23.41 13.37 -0.52
C GLU A 82 -22.10 14.06 -0.16
N GLU A 83 -21.23 14.22 -1.14
CA GLU A 83 -19.96 14.90 -0.94
C GLU A 83 -20.19 16.36 -0.59
N ARG A 84 -19.74 16.77 0.60
CA ARG A 84 -19.91 18.15 1.04
C ARG A 84 -18.99 19.11 0.29
N LYS B 7 13.07 17.53 2.93
CA LYS B 7 14.25 17.37 2.08
C LYS B 7 13.85 16.96 0.66
N HIS B 8 14.45 17.62 -0.33
CA HIS B 8 14.07 17.40 -1.73
C HIS B 8 15.21 16.82 -2.54
N ILE B 9 16.09 16.12 -1.83
CA ILE B 9 17.20 15.43 -2.45
C ILE B 9 17.11 13.97 -2.06
N CYS B 10 17.25 13.08 -3.04
CA CYS B 10 17.19 11.65 -2.78
C CYS B 10 18.43 11.24 -1.96
N ALA B 11 18.20 10.60 -0.82
CA ALA B 11 19.29 10.23 0.08
C ALA B 11 20.20 9.18 -0.55
N ILE B 12 19.68 8.47 -1.54
CA ILE B 12 20.40 7.38 -2.16
C ILE B 12 21.29 7.82 -3.32
N CYS B 13 20.71 8.57 -4.25
CA CYS B 13 21.39 8.89 -5.50
C CYS B 13 21.60 10.38 -5.74
N GLY B 14 20.91 11.23 -4.99
CA GLY B 14 21.16 12.66 -5.06
C GLY B 14 20.27 13.39 -6.04
N ASP B 15 19.47 12.62 -6.76
CA ASP B 15 18.50 13.18 -7.69
C ASP B 15 17.42 13.90 -6.89
N ARG B 16 16.70 14.80 -7.56
CA ARG B 16 15.57 15.49 -6.95
C ARG B 16 14.56 14.52 -6.35
N SER B 17 14.01 14.88 -5.18
CA SER B 17 13.25 13.93 -4.37
C SER B 17 11.74 14.15 -4.38
N SER B 18 11.01 13.06 -4.16
CA SER B 18 9.57 12.99 -4.38
C SER B 18 8.76 12.92 -3.07
N GLY B 19 9.44 13.16 -1.94
CA GLY B 19 8.85 12.98 -0.61
C GLY B 19 9.54 11.81 0.08
N LYS B 20 8.98 11.32 1.19
CA LYS B 20 9.53 10.10 1.77
C LYS B 20 8.95 8.87 1.06
N HIS B 21 9.77 7.84 0.93
CA HIS B 21 9.32 6.59 0.34
C HIS B 21 9.99 5.44 1.04
N TYR B 22 9.18 4.58 1.66
CA TYR B 22 9.69 3.46 2.43
C TYR B 22 10.60 3.97 3.54
N GLY B 23 10.31 5.19 4.01
CA GLY B 23 10.99 5.76 5.16
C GLY B 23 12.15 6.70 4.83
N VAL B 24 12.36 6.97 3.55
CA VAL B 24 13.53 7.77 3.16
C VAL B 24 13.17 8.79 2.09
N TYR B 25 13.66 10.02 2.25
CA TYR B 25 13.57 11.00 1.18
C TYR B 25 14.27 10.45 -0.04
N SER B 26 13.50 10.10 -1.06
CA SER B 26 14.05 9.46 -2.25
C SER B 26 13.33 9.88 -3.53
N CYS B 27 13.98 9.63 -4.67
CA CYS B 27 13.39 9.94 -5.97
C CYS B 27 12.48 8.82 -6.44
N GLU B 28 11.72 9.07 -7.50
CA GLU B 28 10.83 8.04 -8.06
C GLU B 28 11.60 6.83 -8.58
N GLY B 29 12.81 7.04 -9.08
CA GLY B 29 13.60 5.94 -9.58
C GLY B 29 14.00 4.97 -8.49
N CYS B 30 14.59 5.50 -7.42
CA CYS B 30 15.03 4.66 -6.32
C CYS B 30 13.85 4.00 -5.62
N LYS B 31 12.75 4.74 -5.50
CA LYS B 31 11.51 4.17 -4.97
C LYS B 31 11.05 3.00 -5.83
N GLY B 32 10.91 3.22 -7.13
CA GLY B 32 10.44 2.15 -8.01
C GLY B 32 11.40 0.96 -8.03
N PHE B 33 12.69 1.26 -8.07
CA PHE B 33 13.71 0.20 -8.02
C PHE B 33 13.64 -0.63 -6.73
N PHE B 34 13.53 0.03 -5.58
CA PHE B 34 13.39 -0.69 -4.31
C PHE B 34 12.13 -1.55 -4.29
N LYS B 35 11.00 -0.97 -4.68
CA LYS B 35 9.75 -1.70 -4.81
C LYS B 35 9.89 -2.99 -5.60
N ARG B 36 10.43 -2.90 -6.82
CA ARG B 36 10.55 -4.06 -7.69
C ARG B 36 11.50 -5.09 -7.10
N THR B 37 12.56 -4.61 -6.46
CA THR B 37 13.54 -5.50 -5.87
C THR B 37 12.89 -6.36 -4.78
N VAL B 38 12.14 -5.70 -3.89
CA VAL B 38 11.46 -6.41 -2.80
C VAL B 38 10.32 -7.31 -3.31
N ARG B 39 9.51 -6.80 -4.23
CA ARG B 39 8.38 -7.57 -4.75
C ARG B 39 8.81 -8.91 -5.34
N LYS B 40 9.82 -8.88 -6.21
CA LYS B 40 10.23 -10.06 -6.94
C LYS B 40 11.30 -10.85 -6.18
N ASP B 41 11.63 -10.39 -4.99
CA ASP B 41 12.63 -11.04 -4.16
C ASP B 41 13.97 -11.17 -4.86
N LEU B 42 14.23 -10.21 -5.75
CA LEU B 42 15.45 -10.21 -6.56
C LEU B 42 16.72 -10.15 -5.73
N THR B 43 17.79 -10.72 -6.27
CA THR B 43 19.10 -10.70 -5.62
C THR B 43 20.16 -10.41 -6.67
N TYR B 44 21.00 -9.40 -6.41
CA TYR B 44 21.98 -8.96 -7.41
C TYR B 44 23.41 -9.30 -7.01
N THR B 45 24.30 -9.17 -7.99
CA THR B 45 25.74 -9.37 -7.76
C THR B 45 26.52 -8.19 -8.34
N CYS B 46 27.41 -7.61 -7.54
CA CYS B 46 28.14 -6.42 -7.96
C CYS B 46 29.22 -6.72 -9.00
N LYS B 50 32.52 -4.06 -3.89
CA LYS B 50 31.13 -4.01 -3.45
C LYS B 50 30.74 -2.65 -2.88
N ASP B 51 31.22 -1.57 -3.51
CA ASP B 51 30.77 -0.23 -3.15
C ASP B 51 30.97 0.76 -4.30
N CYS B 52 30.23 0.52 -5.39
CA CYS B 52 30.22 1.43 -6.53
C CYS B 52 29.53 2.75 -6.19
N LEU B 53 29.85 3.79 -6.95
CA LEU B 53 29.25 5.10 -6.80
C LEU B 53 27.79 5.09 -7.20
N ILE B 54 26.93 5.61 -6.35
CA ILE B 54 25.52 5.72 -6.68
C ILE B 54 25.08 7.18 -6.70
N ASP B 55 25.08 7.77 -7.89
CA ASP B 55 24.56 9.11 -8.08
C ASP B 55 23.50 9.04 -9.17
N LYS B 56 23.05 10.20 -9.65
CA LYS B 56 21.96 10.21 -10.63
C LYS B 56 22.33 9.49 -11.92
N ARG B 57 23.44 9.89 -12.52
CA ARG B 57 23.81 9.38 -13.84
C ARG B 57 24.28 7.92 -13.79
N GLN B 58 24.89 7.52 -12.67
CA GLN B 58 25.41 6.16 -12.53
C GLN B 58 24.52 5.17 -11.75
N ARG B 59 23.34 5.60 -11.33
CA ARG B 59 22.53 4.76 -10.44
C ARG B 59 22.16 3.38 -10.99
N ASN B 60 21.97 3.28 -12.30
CA ASN B 60 21.61 2.01 -12.91
C ASN B 60 22.80 1.11 -13.23
N ARG B 61 24.00 1.64 -13.06
CA ARG B 61 25.23 0.92 -13.36
C ARG B 61 25.50 -0.27 -12.43
N CYS B 62 24.99 -0.21 -11.21
CA CYS B 62 25.19 -1.33 -10.28
C CYS B 62 23.98 -1.58 -9.37
N GLN B 63 23.17 -2.56 -9.75
CA GLN B 63 21.95 -2.89 -8.99
C GLN B 63 22.27 -3.35 -7.57
N TYR B 64 23.36 -4.10 -7.42
CA TYR B 64 23.75 -4.56 -6.10
C TYR B 64 24.01 -3.39 -5.19
N CYS B 65 24.85 -2.46 -5.65
CA CYS B 65 25.21 -1.31 -4.83
C CYS B 65 24.06 -0.31 -4.64
N ARG B 66 23.20 -0.19 -5.65
CA ARG B 66 22.04 0.69 -5.51
C ARG B 66 21.14 0.18 -4.40
N TYR B 67 20.91 -1.13 -4.39
CA TYR B 67 20.02 -1.73 -3.41
C TYR B 67 20.63 -1.72 -2.02
N GLN B 68 21.95 -1.88 -1.95
CA GLN B 68 22.63 -1.86 -0.67
C GLN B 68 22.50 -0.47 -0.05
N LYS B 69 22.65 0.55 -0.88
CA LYS B 69 22.53 1.93 -0.41
C LYS B 69 21.10 2.30 0.00
N CYS B 70 20.12 1.81 -0.75
CA CYS B 70 18.72 1.95 -0.34
C CYS B 70 18.56 1.51 1.11
N LEU B 71 19.09 0.32 1.41
CA LEU B 71 19.04 -0.23 2.76
C LEU B 71 19.90 0.58 3.73
N ALA B 72 21.04 1.07 3.26
CA ALA B 72 21.96 1.80 4.11
C ALA B 72 21.42 3.19 4.47
N MET B 73 20.54 3.73 3.64
CA MET B 73 19.93 5.01 3.93
C MET B 73 18.64 4.84 4.71
N GLY B 74 18.27 3.58 4.94
CA GLY B 74 17.18 3.24 5.85
C GLY B 74 15.84 2.89 5.21
N MET B 75 15.88 2.40 3.97
CA MET B 75 14.65 1.96 3.30
C MET B 75 14.13 0.65 3.89
N LYS B 76 12.83 0.56 4.08
CA LYS B 76 12.23 -0.53 4.83
C LYS B 76 11.54 -1.53 3.93
N ARG B 77 12.06 -2.75 3.87
CA ARG B 77 11.43 -3.78 3.03
C ARG B 77 9.98 -3.99 3.43
N GLU B 78 9.73 -3.94 4.74
CA GLU B 78 8.38 -4.16 5.26
C GLU B 78 7.37 -3.08 4.84
N ALA B 79 7.86 -1.97 4.31
CA ALA B 79 6.97 -0.93 3.80
C ALA B 79 6.51 -1.19 2.36
N VAL B 80 7.14 -2.15 1.70
CA VAL B 80 6.68 -2.56 0.37
C VAL B 80 5.52 -3.51 0.57
N GLN B 81 4.37 -3.17 0.01
CA GLN B 81 3.17 -3.97 0.24
C GLN B 81 3.04 -5.06 -0.81
N GLU B 82 2.01 -5.88 -0.64
CA GLU B 82 1.61 -6.84 -1.65
C GLU B 82 1.27 -6.13 -2.96
N GLU B 83 1.66 -6.72 -4.08
CA GLU B 83 1.16 -6.28 -5.37
C GLU B 83 -0.37 -6.33 -5.30
N ARG B 84 -1.04 -5.33 -5.85
CA ARG B 84 -2.50 -5.32 -5.81
C ARG B 84 -3.08 -5.89 -7.11
#